data_6VR3
#
_entry.id   6VR3
#
_cell.length_a   73.038
_cell.length_b   73.038
_cell.length_c   145.550
_cell.angle_alpha   90.00
_cell.angle_beta   90.00
_cell.angle_gamma   120.00
#
_symmetry.space_group_name_H-M   'P 32 2 1'
#
loop_
_entity.id
_entity.type
_entity.pdbx_description
1 polymer "Aminoglycoside 2'-N-acetyltransferase"
2 non-polymer 'N-[(2S,3R)-2-{[(1R,2S,3S,4R,6S)-6-amino-3-{[3-deoxy-4-C-methyl-3-(methylamino)-beta-L-lyxopyranosyl]oxy}-4-(ethylamino) -2-hydroxycyclohexyl]oxy}-6-(aminomethyl)-3,4-dihydro-2H-pyran-3-yl]acetamide'
3 non-polymer 'COENZYME A'
4 water water
#
_entity_poly.entity_id   1
_entity_poly.type   'polypeptide(L)'
_entity_poly.pdbx_seq_one_letter_code
;HMGIEYRSLHTSQLTLSEKEALYDLLIEGFEGDFSHDDFAHTLGGMHVMAFDQQKLVGHVAIIQRHMALDNTPISVGYVE
AMVVEQSYRRQGIGRQLMLQTNKIIASCYQLGLLSASDDGQKLYHSVGWQIWKGKLFELKQGSYIRSIEEEGGVMGWKAD
GEVDFTASLYCDFRGGDQW
;
_entity_poly.pdbx_strand_id   A,B
#
# COMPACT_ATOMS: atom_id res chain seq x y z
N GLY A 3 -7.53 29.76 0.38
CA GLY A 3 -8.72 29.49 -0.42
C GLY A 3 -8.67 28.13 -1.07
N ILE A 4 -7.70 27.33 -0.64
CA ILE A 4 -7.48 26.00 -1.20
C ILE A 4 -8.03 24.97 -0.23
N GLU A 5 -8.84 24.04 -0.74
CA GLU A 5 -9.37 22.92 0.03
C GLU A 5 -8.50 21.69 -0.20
N TYR A 6 -8.23 20.96 0.87
CA TYR A 6 -7.45 19.73 0.81
C TYR A 6 -8.32 18.53 1.17
N ARG A 7 -8.25 17.48 0.36
CA ARG A 7 -8.95 16.22 0.63
C ARG A 7 -7.95 15.08 0.54
N SER A 8 -8.01 14.17 1.52
CA SER A 8 -7.22 12.95 1.55
C SER A 8 -8.13 11.78 1.21
N LEU A 9 -7.82 11.07 0.12
CA LEU A 9 -8.68 10.01 -0.40
C LEU A 9 -7.84 8.84 -0.91
N HIS A 10 -8.24 7.63 -0.54
CA HIS A 10 -7.61 6.44 -1.10
C HIS A 10 -7.98 6.31 -2.57
N THR A 11 -7.13 5.63 -3.35
CA THR A 11 -7.43 5.40 -4.75
C THR A 11 -8.82 4.79 -4.92
N SER A 12 -9.20 3.91 -4.00
CA SER A 12 -10.52 3.29 -4.07
C SER A 12 -11.65 4.27 -3.77
N GLN A 13 -11.37 5.40 -3.13
CA GLN A 13 -12.42 6.37 -2.83
C GLN A 13 -12.54 7.45 -3.89
N LEU A 14 -11.71 7.41 -4.94
CA LEU A 14 -11.74 8.45 -5.96
C LEU A 14 -12.87 8.19 -6.94
N THR A 15 -13.64 9.23 -7.24
CA THR A 15 -14.53 9.18 -8.39
C THR A 15 -13.70 9.01 -9.67
N LEU A 16 -14.37 8.57 -10.72
CA LEU A 16 -13.71 8.43 -12.01
C LEU A 16 -13.31 9.84 -12.47
N SER A 17 -14.16 10.81 -12.17
CA SER A 17 -13.87 12.20 -12.52
C SER A 17 -12.52 12.62 -11.98
N GLU A 18 -12.28 12.35 -10.70
CA GLU A 18 -11.04 12.78 -10.07
C GLU A 18 -9.85 12.05 -10.67
N LYS A 19 -10.01 10.77 -11.03
CA LYS A 19 -8.90 10.01 -11.63
C LYS A 19 -8.45 10.64 -12.93
N GLU A 20 -9.40 10.99 -13.80
CA GLU A 20 -9.05 11.58 -15.09
C GLU A 20 -8.47 12.98 -14.92
N ALA A 21 -9.04 13.77 -13.99
CA ALA A 21 -8.46 15.08 -13.69
C ALA A 21 -7.03 14.93 -13.21
N LEU A 22 -6.75 13.91 -12.39
CA LEU A 22 -5.42 13.70 -11.86
C LEU A 22 -4.42 13.42 -12.98
N TYR A 23 -4.79 12.53 -13.90
CA TYR A 23 -3.93 12.21 -15.03
C TYR A 23 -3.55 13.45 -15.83
N ASP A 24 -4.55 14.26 -16.20
CA ASP A 24 -4.26 15.48 -16.96
C ASP A 24 -3.38 16.42 -16.16
N LEU A 25 -3.65 16.55 -14.86
CA LEU A 25 -2.86 17.44 -14.01
C LEU A 25 -1.41 17.03 -14.00
N LEU A 26 -1.16 15.72 -13.97
CA LEU A 26 0.21 15.23 -13.94
C LEU A 26 0.91 15.43 -15.29
N ILE A 27 0.22 15.14 -16.40
CA ILE A 27 0.84 15.37 -17.71
C ILE A 27 1.13 16.85 -17.92
N GLU A 28 0.17 17.71 -17.54
CA GLU A 28 0.37 19.14 -17.70
C GLU A 28 1.47 19.66 -16.78
N GLY A 29 1.53 19.15 -15.55
CA GLY A 29 2.44 19.70 -14.55
C GLY A 29 3.89 19.27 -14.70
N PHE A 30 4.14 18.09 -15.28
CA PHE A 30 5.49 17.56 -15.34
C PHE A 30 6.24 17.87 -16.63
N GLU A 31 5.63 18.60 -17.57
CA GLU A 31 6.32 18.97 -18.81
C GLU A 31 7.01 17.77 -19.48
N GLY A 32 6.30 16.65 -19.59
CA GLY A 32 6.64 15.62 -20.53
C GLY A 32 7.38 14.40 -20.00
N ASP A 33 7.88 14.43 -18.76
N ASP A 33 7.92 14.43 -18.79
CA ASP A 33 8.67 13.34 -18.23
CA ASP A 33 8.66 13.29 -18.28
C ASP A 33 7.90 12.45 -17.26
C ASP A 33 7.89 12.55 -17.19
N PHE A 34 6.57 12.45 -17.34
CA PHE A 34 5.73 11.64 -16.47
C PHE A 34 5.12 10.53 -17.31
N SER A 35 5.53 9.29 -17.07
CA SER A 35 5.20 8.20 -17.96
C SER A 35 3.94 7.48 -17.51
N HIS A 36 3.51 6.54 -18.35
CA HIS A 36 2.42 5.64 -17.97
C HIS A 36 2.80 4.78 -16.77
N ASP A 37 4.05 4.35 -16.69
CA ASP A 37 4.48 3.65 -15.48
C ASP A 37 4.45 4.58 -14.27
N ASP A 38 4.80 5.86 -14.45
CA ASP A 38 4.70 6.78 -13.33
C ASP A 38 3.25 6.90 -12.86
N PHE A 39 2.29 6.90 -13.79
CA PHE A 39 0.89 7.00 -13.39
C PHE A 39 0.44 5.74 -12.66
N ALA A 40 0.86 4.56 -13.13
CA ALA A 40 0.60 3.33 -12.39
C ALA A 40 1.17 3.39 -10.97
N HIS A 41 2.36 3.96 -10.81
CA HIS A 41 2.95 4.05 -9.47
C HIS A 41 2.14 4.92 -8.53
N THR A 42 1.32 5.82 -9.08
CA THR A 42 0.54 6.76 -8.30
C THR A 42 -0.72 6.14 -7.73
N LEU A 43 -1.16 4.99 -8.24
CA LEU A 43 -2.45 4.43 -7.88
C LEU A 43 -2.27 3.26 -6.93
N GLY A 44 -3.16 3.17 -5.94
CA GLY A 44 -3.14 2.09 -4.97
C GLY A 44 -2.99 2.53 -3.54
N GLY A 45 -2.66 3.81 -3.29
CA GLY A 45 -2.45 4.31 -1.95
C GLY A 45 -3.31 5.52 -1.63
N MET A 46 -2.80 6.40 -0.77
CA MET A 46 -3.52 7.61 -0.38
C MET A 46 -3.19 8.78 -1.31
N HIS A 47 -4.22 9.55 -1.68
CA HIS A 47 -4.03 10.78 -2.42
C HIS A 47 -4.31 11.96 -1.49
N VAL A 48 -3.43 12.96 -1.53
CA VAL A 48 -3.77 14.25 -0.97
C VAL A 48 -4.02 15.18 -2.14
N MET A 49 -5.21 15.72 -2.22
CA MET A 49 -5.62 16.55 -3.34
C MET A 49 -5.98 17.95 -2.88
N ALA A 50 -5.55 18.95 -3.66
CA ALA A 50 -5.81 20.35 -3.40
C ALA A 50 -6.74 20.89 -4.49
N PHE A 51 -7.78 21.63 -4.08
CA PHE A 51 -8.80 22.11 -5.00
C PHE A 51 -8.97 23.61 -4.85
N ASP A 52 -9.19 24.27 -5.98
CA ASP A 52 -9.60 25.67 -6.01
C ASP A 52 -11.06 25.64 -6.45
N GLN A 53 -11.96 25.74 -5.47
CA GLN A 53 -13.40 25.48 -5.68
C GLN A 53 -13.51 24.04 -6.15
N GLN A 54 -13.99 23.77 -7.35
CA GLN A 54 -14.14 22.39 -7.80
C GLN A 54 -12.96 21.89 -8.62
N LYS A 55 -12.00 22.75 -8.95
CA LYS A 55 -10.90 22.38 -9.83
C LYS A 55 -9.74 21.80 -9.02
N LEU A 56 -9.33 20.58 -9.37
CA LEU A 56 -8.11 19.99 -8.83
C LEU A 56 -6.89 20.78 -9.30
N VAL A 57 -6.10 21.29 -8.35
CA VAL A 57 -4.93 22.08 -8.68
C VAL A 57 -3.64 21.51 -8.11
N GLY A 58 -3.70 20.50 -7.25
CA GLY A 58 -2.49 19.97 -6.63
C GLY A 58 -2.73 18.58 -6.10
N HIS A 59 -1.66 17.78 -6.07
CA HIS A 59 -1.78 16.40 -5.68
C HIS A 59 -0.44 15.84 -5.24
N VAL A 60 -0.50 14.88 -4.32
CA VAL A 60 0.63 14.04 -3.96
C VAL A 60 0.03 12.73 -3.50
N ALA A 61 0.72 11.62 -3.80
CA ALA A 61 0.27 10.30 -3.39
C ALA A 61 1.29 9.66 -2.46
N ILE A 62 0.80 8.85 -1.53
CA ILE A 62 1.61 8.08 -0.61
C ILE A 62 1.28 6.61 -0.82
N ILE A 63 2.27 5.84 -1.29
CA ILE A 63 2.12 4.45 -1.68
C ILE A 63 2.82 3.58 -0.65
N GLN A 64 2.18 2.49 -0.24
CA GLN A 64 2.82 1.56 0.67
C GLN A 64 3.84 0.73 -0.09
N ARG A 65 5.07 0.69 0.40
CA ARG A 65 6.10 -0.17 -0.16
C ARG A 65 6.74 -0.95 0.97
N HIS A 66 7.28 -2.11 0.64
CA HIS A 66 7.88 -3.00 1.61
C HIS A 66 9.33 -3.18 1.23
N MET A 67 10.24 -2.70 2.09
CA MET A 67 11.65 -2.63 1.76
C MET A 67 12.46 -3.32 2.85
N ALA A 68 13.77 -3.42 2.61
CA ALA A 68 14.73 -3.86 3.62
C ALA A 68 15.66 -2.69 3.93
N LEU A 69 15.85 -2.42 5.22
CA LEU A 69 16.86 -1.50 5.70
C LEU A 69 17.98 -2.38 6.23
N ASP A 70 19.11 -2.39 5.54
CA ASP A 70 20.10 -3.45 5.70
C ASP A 70 19.36 -4.77 5.67
N ASN A 71 19.39 -5.53 6.77
CA ASN A 71 18.71 -6.81 6.82
C ASN A 71 17.29 -6.72 7.38
N THR A 72 16.84 -5.54 7.74
CA THR A 72 15.61 -5.42 8.52
C THR A 72 14.45 -5.02 7.62
N PRO A 73 13.33 -5.73 7.67
CA PRO A 73 12.15 -5.30 6.90
C PRO A 73 11.60 -3.99 7.45
N ILE A 74 11.28 -3.06 6.55
CA ILE A 74 10.69 -1.79 6.96
C ILE A 74 9.49 -1.48 6.08
N SER A 75 8.45 -0.93 6.70
N SER A 75 8.43 -0.99 6.70
CA SER A 75 7.26 -0.46 6.02
CA SER A 75 7.28 -0.49 5.96
C SER A 75 7.48 0.99 5.58
C SER A 75 7.55 0.95 5.55
N VAL A 76 7.28 1.26 4.28
CA VAL A 76 7.65 2.55 3.71
C VAL A 76 6.40 3.24 3.18
N GLY A 77 6.26 4.53 3.49
CA GLY A 77 5.32 5.38 2.78
C GLY A 77 6.07 6.08 1.65
N TYR A 78 5.83 5.67 0.41
CA TYR A 78 6.60 6.20 -0.71
C TYR A 78 5.82 7.31 -1.39
N VAL A 79 6.46 8.44 -1.58
CA VAL A 79 5.78 9.62 -2.09
C VAL A 79 5.88 9.63 -3.61
N GLU A 80 4.74 9.77 -4.28
CA GLU A 80 4.69 9.73 -5.72
C GLU A 80 3.86 10.88 -6.26
N ALA A 81 4.23 11.32 -7.46
CA ALA A 81 3.34 12.12 -8.32
C ALA A 81 2.97 13.45 -7.65
N MET A 82 3.99 14.10 -7.10
CA MET A 82 3.83 15.39 -6.45
C MET A 82 3.72 16.45 -7.53
N VAL A 83 2.62 17.21 -7.55
CA VAL A 83 2.44 18.22 -8.59
C VAL A 83 1.48 19.29 -8.12
N VAL A 84 1.72 20.51 -8.58
CA VAL A 84 0.83 21.65 -8.42
C VAL A 84 0.76 22.36 -9.78
N GLU A 85 -0.46 22.70 -10.21
CA GLU A 85 -0.62 23.35 -11.49
C GLU A 85 0.21 24.62 -11.56
N GLN A 86 0.84 24.85 -12.72
CA GLN A 86 1.86 25.88 -12.87
C GLN A 86 1.46 27.22 -12.26
N SER A 87 0.26 27.71 -12.59
CA SER A 87 -0.13 29.05 -12.15
C SER A 87 -0.39 29.13 -10.66
N TYR A 88 -0.49 28.00 -9.96
CA TYR A 88 -0.71 27.98 -8.52
C TYR A 88 0.57 27.77 -7.73
N ARG A 89 1.71 27.66 -8.40
CA ARG A 89 2.93 27.29 -7.69
C ARG A 89 3.45 28.45 -6.87
N ARG A 90 4.35 28.13 -5.93
CA ARG A 90 5.04 29.11 -5.11
C ARG A 90 4.06 29.89 -4.23
N GLN A 91 2.96 29.25 -3.84
CA GLN A 91 2.00 29.83 -2.90
C GLN A 91 1.89 29.02 -1.61
N GLY A 92 2.73 28.00 -1.43
CA GLY A 92 2.64 27.16 -0.27
C GLY A 92 1.79 25.91 -0.41
N ILE A 93 1.17 25.69 -1.57
CA ILE A 93 0.33 24.48 -1.72
C ILE A 93 1.18 23.22 -1.58
N GLY A 94 2.34 23.20 -2.25
CA GLY A 94 3.18 22.02 -2.16
C GLY A 94 3.58 21.71 -0.74
N ARG A 95 3.90 22.76 0.04
CA ARG A 95 4.23 22.60 1.44
C ARG A 95 3.09 21.94 2.22
N GLN A 96 1.86 22.43 2.03
CA GLN A 96 0.70 21.83 2.71
C GLN A 96 0.51 20.38 2.31
N LEU A 97 0.67 20.08 1.02
CA LEU A 97 0.62 18.70 0.56
C LEU A 97 1.62 17.82 1.32
N MET A 98 2.85 18.32 1.49
CA MET A 98 3.85 17.53 2.20
C MET A 98 3.53 17.42 3.69
N LEU A 99 2.97 18.48 4.29
CA LEU A 99 2.62 18.40 5.71
C LEU A 99 1.54 17.36 5.91
N GLN A 100 0.57 17.30 4.99
CA GLN A 100 -0.42 16.23 5.04
C GLN A 100 0.23 14.88 4.77
N THR A 101 1.16 14.83 3.82
CA THR A 101 1.88 13.59 3.57
C THR A 101 2.62 13.11 4.82
N ASN A 102 3.29 14.03 5.52
CA ASN A 102 4.03 13.66 6.73
C ASN A 102 3.11 13.02 7.76
N LYS A 103 1.89 13.54 7.92
CA LYS A 103 0.98 12.99 8.92
C LYS A 103 0.51 11.59 8.55
N ILE A 104 0.19 11.37 7.27
CA ILE A 104 -0.19 10.04 6.81
C ILE A 104 0.94 9.05 7.07
N ILE A 105 2.17 9.42 6.70
CA ILE A 105 3.30 8.51 6.88
C ILE A 105 3.49 8.18 8.35
N ALA A 106 3.46 9.20 9.22
CA ALA A 106 3.66 8.99 10.65
C ALA A 106 2.62 8.05 11.24
N SER A 107 1.40 8.06 10.71
CA SER A 107 0.34 7.22 11.27
C SER A 107 0.32 5.80 10.70
N CYS A 108 1.13 5.50 9.68
CA CYS A 108 0.97 4.22 8.98
C CYS A 108 2.25 3.43 8.77
N TYR A 109 3.39 4.11 8.57
CA TYR A 109 4.59 3.45 8.08
C TYR A 109 5.77 3.78 8.98
N GLN A 110 6.83 3.00 8.84
CA GLN A 110 8.02 3.25 9.65
C GLN A 110 8.90 4.35 9.06
N LEU A 111 8.83 4.61 7.77
CA LEU A 111 9.77 5.53 7.15
C LEU A 111 9.17 6.12 5.89
N GLY A 112 9.41 7.41 5.66
CA GLY A 112 9.03 8.05 4.41
C GLY A 112 10.23 8.05 3.45
N LEU A 113 9.94 7.80 2.18
CA LEU A 113 10.97 7.89 1.15
C LEU A 113 10.38 8.53 -0.10
N LEU A 114 11.23 9.22 -0.86
CA LEU A 114 10.80 9.80 -2.12
C LEU A 114 12.03 10.00 -3.01
N SER A 115 11.77 10.29 -4.28
CA SER A 115 12.84 10.63 -5.20
C SER A 115 12.60 12.06 -5.69
N ALA A 116 13.52 12.97 -5.38
CA ALA A 116 13.31 14.39 -5.58
C ALA A 116 13.82 14.85 -6.95
N SER A 117 13.62 16.14 -7.22
CA SER A 117 14.13 16.81 -8.41
C SER A 117 14.90 18.06 -8.02
N ASP A 118 14.97 19.04 -8.93
CA ASP A 118 15.52 20.35 -8.59
C ASP A 118 14.51 21.15 -7.76
N ASP A 119 13.31 21.33 -8.30
CA ASP A 119 12.24 22.07 -7.63
C ASP A 119 11.75 21.40 -6.35
N GLY A 120 12.18 20.17 -6.06
CA GLY A 120 11.64 19.45 -4.94
C GLY A 120 12.47 19.51 -3.68
N GLN A 121 13.75 19.17 -3.80
CA GLN A 121 14.66 19.06 -2.65
C GLN A 121 14.52 20.08 -1.52
N LYS A 122 14.62 21.35 -1.86
CA LYS A 122 14.53 22.40 -0.84
C LYS A 122 13.17 22.41 -0.15
N LEU A 123 12.08 22.21 -0.91
CA LEU A 123 10.76 22.13 -0.29
C LEU A 123 10.69 20.97 0.72
N TYR A 124 11.19 19.80 0.31
CA TYR A 124 11.12 18.63 1.19
C TYR A 124 11.99 18.83 2.42
N HIS A 125 13.20 19.35 2.24
CA HIS A 125 14.06 19.69 3.36
C HIS A 125 13.35 20.63 4.33
N SER A 126 12.55 21.55 3.79
CA SER A 126 11.85 22.52 4.64
C SER A 126 10.80 21.86 5.54
N VAL A 127 10.41 20.62 5.27
CA VAL A 127 9.47 19.91 6.15
C VAL A 127 10.11 18.64 6.70
N GLY A 128 11.43 18.66 6.89
CA GLY A 128 12.12 17.65 7.68
C GLY A 128 12.74 16.51 6.91
N TRP A 129 12.67 16.48 5.58
CA TRP A 129 13.21 15.36 4.82
C TRP A 129 14.70 15.54 4.59
N GLN A 130 15.42 14.41 4.50
CA GLN A 130 16.88 14.43 4.40
C GLN A 130 17.32 13.51 3.28
N ILE A 131 18.37 13.93 2.57
CA ILE A 131 18.96 13.09 1.54
C ILE A 131 19.42 11.77 2.14
N TRP A 132 19.00 10.66 1.52
CA TRP A 132 19.44 9.35 2.00
C TRP A 132 20.92 9.16 1.69
N LYS A 133 21.72 8.87 2.71
CA LYS A 133 23.18 8.82 2.52
C LYS A 133 23.70 7.43 2.19
N GLY A 134 22.91 6.38 2.43
CA GLY A 134 23.37 5.02 2.24
C GLY A 134 23.21 4.51 0.82
N LYS A 135 23.65 3.28 0.61
CA LYS A 135 23.51 2.62 -0.67
C LYS A 135 22.04 2.30 -0.95
N LEU A 136 21.67 2.34 -2.23
CA LEU A 136 20.33 2.02 -2.69
C LEU A 136 20.40 0.84 -3.66
N PHE A 137 19.43 -0.05 -3.59
CA PHE A 137 19.45 -1.26 -4.38
C PHE A 137 18.07 -1.51 -4.97
N GLU A 138 18.03 -2.08 -6.17
CA GLU A 138 16.78 -2.44 -6.81
C GLU A 138 16.93 -3.82 -7.44
N LEU A 139 15.79 -4.53 -7.52
CA LEU A 139 15.76 -5.85 -8.14
C LEU A 139 15.85 -5.73 -9.65
N LYS A 140 16.81 -6.44 -10.24
CA LYS A 140 16.85 -6.69 -11.67
C LYS A 140 17.03 -8.18 -11.87
N GLN A 141 16.13 -8.79 -12.64
CA GLN A 141 16.17 -10.23 -12.86
C GLN A 141 16.18 -11.00 -11.55
N GLY A 142 15.36 -10.55 -10.60
CA GLY A 142 15.25 -11.21 -9.31
C GLY A 142 16.46 -11.07 -8.41
N SER A 143 17.48 -10.30 -8.81
CA SER A 143 18.68 -10.08 -8.02
C SER A 143 18.92 -8.59 -7.82
N TYR A 144 19.28 -8.21 -6.59
CA TYR A 144 19.48 -6.82 -6.25
C TYR A 144 20.75 -6.27 -6.90
N ILE A 145 20.66 -5.04 -7.43
CA ILE A 145 21.82 -4.29 -7.92
C ILE A 145 21.74 -2.87 -7.36
N ARG A 146 22.88 -2.17 -7.39
CA ARG A 146 22.93 -0.80 -6.89
C ARG A 146 22.13 0.15 -7.77
N SER A 147 21.37 1.04 -7.14
CA SER A 147 20.65 2.10 -7.85
C SER A 147 21.50 3.38 -7.89
N ILE A 148 22.63 3.30 -8.59
CA ILE A 148 23.60 4.41 -8.58
C ILE A 148 22.94 5.70 -9.07
N GLU A 149 22.19 5.60 -10.16
CA GLU A 149 21.46 6.75 -10.68
C GLU A 149 20.73 7.52 -9.59
N GLU A 150 20.07 6.83 -8.65
CA GLU A 150 19.18 7.48 -7.70
C GLU A 150 19.87 7.93 -6.41
N GLU A 151 21.11 7.49 -6.17
CA GLU A 151 21.79 7.78 -4.92
C GLU A 151 22.15 9.27 -4.86
N GLY A 152 21.70 9.94 -3.79
CA GLY A 152 21.79 11.38 -3.70
C GLY A 152 20.50 12.11 -4.05
N GLY A 153 19.59 11.45 -4.75
CA GLY A 153 18.31 12.03 -5.09
C GLY A 153 17.17 11.52 -4.23
N VAL A 154 17.34 10.34 -3.64
CA VAL A 154 16.32 9.82 -2.73
C VAL A 154 16.44 10.51 -1.38
N MET A 155 15.30 10.86 -0.79
CA MET A 155 15.22 11.51 0.51
C MET A 155 14.32 10.70 1.42
N GLY A 156 14.60 10.75 2.72
CA GLY A 156 13.84 10.01 3.70
C GLY A 156 13.29 10.92 4.80
N TRP A 157 12.30 10.40 5.52
CA TRP A 157 11.69 11.14 6.62
C TRP A 157 11.22 10.16 7.69
N LYS A 158 11.55 10.45 8.94
CA LYS A 158 11.11 9.62 10.05
C LYS A 158 10.46 10.53 11.09
N ALA A 159 9.26 10.14 11.54
CA ALA A 159 8.56 10.89 12.56
C ALA A 159 9.44 11.08 13.79
N ASP A 160 9.75 9.99 14.50
CA ASP A 160 10.60 10.07 15.69
C ASP A 160 12.04 10.46 15.34
N GLY A 161 12.48 10.17 14.11
CA GLY A 161 13.80 10.56 13.67
C GLY A 161 14.93 9.60 14.00
N GLU A 162 14.62 8.37 14.42
CA GLU A 162 15.63 7.39 14.77
C GLU A 162 15.73 6.36 13.66
N VAL A 163 16.38 6.76 12.56
CA VAL A 163 16.69 5.87 11.44
C VAL A 163 18.12 6.16 11.00
N ASP A 164 18.89 5.11 10.74
CA ASP A 164 20.26 5.28 10.25
C ASP A 164 20.16 5.59 8.76
N PHE A 165 20.28 6.87 8.42
CA PHE A 165 20.26 7.33 7.04
C PHE A 165 21.48 6.89 6.22
N THR A 166 22.48 6.24 6.83
CA THR A 166 23.56 5.65 6.07
C THR A 166 23.36 4.18 5.76
N ALA A 167 22.30 3.56 6.28
CA ALA A 167 22.07 2.15 6.05
C ALA A 167 21.62 1.92 4.60
N SER A 168 21.82 0.70 4.12
CA SER A 168 21.36 0.35 2.78
C SER A 168 19.85 0.19 2.73
N LEU A 169 19.27 0.54 1.58
CA LEU A 169 17.85 0.36 1.30
C LEU A 169 17.69 -0.54 0.07
N TYR A 170 16.84 -1.54 0.19
CA TYR A 170 16.48 -2.46 -0.91
C TYR A 170 14.99 -2.27 -1.18
N CYS A 171 14.65 -1.71 -2.34
CA CYS A 171 13.26 -1.44 -2.62
C CYS A 171 12.58 -2.67 -3.21
N ASP A 172 11.25 -2.65 -3.22
CA ASP A 172 10.50 -3.74 -3.85
C ASP A 172 10.33 -3.48 -5.35
N PHE A 173 9.89 -4.51 -6.05
CA PHE A 173 9.93 -4.53 -7.52
C PHE A 173 8.73 -3.80 -8.11
N ARG A 174 8.95 -3.10 -9.22
CA ARG A 174 7.86 -2.53 -10.02
C ARG A 174 8.37 -2.26 -11.43
N GLY A 175 7.47 -1.81 -12.31
CA GLY A 175 7.88 -1.42 -13.65
C GLY A 175 8.38 0.03 -13.70
N GLY A 176 9.03 0.38 -14.80
CA GLY A 176 9.56 1.73 -14.95
C GLY A 176 10.68 2.01 -13.94
N ASP A 177 10.70 3.23 -13.41
CA ASP A 177 11.71 3.56 -12.39
C ASP A 177 11.34 2.92 -11.06
N GLN A 178 12.29 2.17 -10.48
CA GLN A 178 12.05 1.52 -9.19
C GLN A 178 11.98 2.52 -8.04
N TRP A 179 12.63 3.67 -8.18
CA TRP A 179 12.54 4.76 -7.24
C TRP A 179 11.79 5.96 -7.84
N GLY B 3 -28.54 -6.08 9.30
CA GLY B 3 -28.45 -5.22 10.47
C GLY B 3 -27.05 -4.74 10.78
N ILE B 4 -26.11 -5.07 9.92
CA ILE B 4 -24.70 -4.72 10.12
C ILE B 4 -24.36 -3.50 9.27
N GLU B 5 -23.56 -2.60 9.83
N GLU B 5 -23.56 -2.60 9.81
CA GLU B 5 -23.08 -1.44 9.09
CA GLU B 5 -23.08 -1.43 9.09
C GLU B 5 -21.63 -1.67 8.67
C GLU B 5 -21.62 -1.63 8.69
N TYR B 6 -21.32 -1.30 7.42
CA TYR B 6 -20.00 -1.50 6.85
C TYR B 6 -19.35 -0.16 6.52
N ARG B 7 -18.12 0.04 6.99
N ARG B 7 -18.12 0.04 6.98
CA ARG B 7 -17.34 1.24 6.73
CA ARG B 7 -17.35 1.25 6.69
C ARG B 7 -15.97 0.85 6.20
C ARG B 7 -15.98 0.84 6.19
N SER B 8 -15.48 1.58 5.20
CA SER B 8 -14.17 1.34 4.62
C SER B 8 -13.30 2.53 4.96
N LEU B 9 -12.23 2.30 5.71
CA LEU B 9 -11.35 3.37 6.16
C LEU B 9 -9.89 2.99 5.89
N HIS B 10 -9.09 3.98 5.50
CA HIS B 10 -7.66 3.77 5.45
C HIS B 10 -7.10 3.78 6.87
N THR B 11 -5.98 3.06 7.06
CA THR B 11 -5.31 3.08 8.37
C THR B 11 -5.11 4.51 8.87
N SER B 12 -4.72 5.42 7.97
CA SER B 12 -4.49 6.82 8.37
C SER B 12 -5.74 7.53 8.85
N GLN B 13 -6.92 6.93 8.68
CA GLN B 13 -8.16 7.53 9.12
C GLN B 13 -8.68 6.94 10.44
N LEU B 14 -7.92 6.05 11.06
CA LEU B 14 -8.34 5.38 12.28
C LEU B 14 -7.75 6.06 13.52
N THR B 15 -8.55 6.14 14.58
CA THR B 15 -8.00 6.58 15.86
C THR B 15 -7.19 5.47 16.51
N LEU B 16 -6.46 5.84 17.57
CA LEU B 16 -5.71 4.85 18.33
C LEU B 16 -6.63 3.81 18.95
N SER B 17 -7.78 4.25 19.47
CA SER B 17 -8.72 3.31 20.07
C SER B 17 -9.39 2.44 19.01
N GLU B 18 -9.59 2.95 17.80
CA GLU B 18 -10.14 2.09 16.74
C GLU B 18 -9.12 1.03 16.34
N LYS B 19 -7.85 1.40 16.23
CA LYS B 19 -6.83 0.41 15.96
C LYS B 19 -6.70 -0.57 17.13
N GLU B 20 -6.88 -0.11 18.36
CA GLU B 20 -6.83 -1.03 19.50
C GLU B 20 -8.00 -1.99 19.47
N ALA B 21 -9.20 -1.49 19.13
CA ALA B 21 -10.36 -2.36 19.04
C ALA B 21 -10.16 -3.39 17.95
N LEU B 22 -9.49 -3.00 16.88
CA LEU B 22 -9.14 -3.93 15.80
C LEU B 22 -8.21 -5.02 16.31
N TYR B 23 -7.11 -4.63 16.98
CA TYR B 23 -6.23 -5.62 17.59
C TYR B 23 -7.02 -6.57 18.50
N ASP B 24 -7.87 -6.02 19.37
CA ASP B 24 -8.63 -6.87 20.30
C ASP B 24 -9.48 -7.88 19.54
N LEU B 25 -10.18 -7.43 18.49
CA LEU B 25 -11.03 -8.31 17.70
C LEU B 25 -10.23 -9.44 17.08
N LEU B 26 -9.04 -9.12 16.57
CA LEU B 26 -8.19 -10.11 15.93
C LEU B 26 -7.66 -11.12 16.93
N ILE B 27 -7.18 -10.65 18.08
CA ILE B 27 -6.70 -11.57 19.12
C ILE B 27 -7.81 -12.52 19.54
N GLU B 28 -9.00 -11.99 19.80
CA GLU B 28 -10.10 -12.84 20.25
C GLU B 28 -10.55 -13.78 19.14
N GLY B 29 -10.63 -13.28 17.90
CA GLY B 29 -11.16 -14.09 16.82
C GLY B 29 -10.24 -15.15 16.27
N PHE B 30 -8.92 -14.98 16.42
CA PHE B 30 -7.97 -15.99 15.95
C PHE B 30 -7.54 -16.97 17.04
N GLU B 31 -7.94 -16.75 18.29
CA GLU B 31 -7.58 -17.62 19.40
C GLU B 31 -6.07 -17.93 19.41
N GLY B 32 -5.30 -16.89 19.71
CA GLY B 32 -3.88 -17.05 19.94
C GLY B 32 -3.03 -17.32 18.71
N ASP B 33 -3.60 -17.27 17.51
CA ASP B 33 -2.86 -17.56 16.29
C ASP B 33 -2.44 -16.30 15.53
N PHE B 34 -2.47 -15.15 16.18
CA PHE B 34 -2.31 -13.85 15.53
C PHE B 34 -1.23 -13.10 16.29
N SER B 35 -0.11 -12.82 15.64
CA SER B 35 1.07 -12.26 16.28
C SER B 35 1.15 -10.74 16.10
N HIS B 36 2.12 -10.12 16.79
CA HIS B 36 2.40 -8.70 16.57
C HIS B 36 2.81 -8.44 15.13
N ASP B 37 3.54 -9.37 14.52
CA ASP B 37 3.89 -9.21 13.11
C ASP B 37 2.65 -9.26 12.23
N ASP B 38 1.72 -10.16 12.54
CA ASP B 38 0.45 -10.20 11.82
C ASP B 38 -0.28 -8.88 11.92
N PHE B 39 -0.22 -8.23 13.08
CA PHE B 39 -0.89 -6.94 13.21
C PHE B 39 -0.17 -5.87 12.41
N ALA B 40 1.17 -5.84 12.47
CA ALA B 40 1.90 -4.92 11.59
C ALA B 40 1.49 -5.12 10.13
N HIS B 41 1.23 -6.37 9.74
CA HIS B 41 0.84 -6.62 8.35
C HIS B 41 -0.54 -6.06 8.02
N THR B 42 -1.37 -5.83 9.04
CA THR B 42 -2.74 -5.33 8.86
C THR B 42 -2.80 -3.83 8.62
N LEU B 43 -1.72 -3.11 8.92
CA LEU B 43 -1.76 -1.65 8.98
C LEU B 43 -1.06 -1.04 7.77
N GLY B 44 -1.64 0.06 7.26
CA GLY B 44 -1.06 0.79 6.16
C GLY B 44 -1.85 0.76 4.87
N GLY B 45 -2.98 0.03 4.83
CA GLY B 45 -3.86 -0.03 3.67
C GLY B 45 -5.29 0.30 4.04
N MET B 46 -6.22 -0.31 3.30
CA MET B 46 -7.65 -0.11 3.51
C MET B 46 -8.20 -1.14 4.48
N HIS B 47 -9.10 -0.71 5.36
CA HIS B 47 -9.83 -1.60 6.26
C HIS B 47 -11.30 -1.59 5.86
N VAL B 48 -11.90 -2.76 5.75
CA VAL B 48 -13.35 -2.90 5.69
C VAL B 48 -13.82 -3.40 7.04
N MET B 49 -14.67 -2.63 7.70
CA MET B 49 -15.07 -2.91 9.06
C MET B 49 -16.58 -3.07 9.17
N ALA B 50 -16.99 -4.08 9.91
CA ALA B 50 -18.39 -4.39 10.13
C ALA B 50 -18.75 -4.03 11.56
N PHE B 51 -19.83 -3.28 11.73
CA PHE B 51 -20.28 -2.78 13.02
C PHE B 51 -21.70 -3.23 13.30
N ASP B 52 -21.92 -3.73 14.52
CA ASP B 52 -23.24 -3.88 15.10
C ASP B 52 -23.43 -2.73 16.07
N GLN B 53 -24.26 -1.77 15.70
CA GLN B 53 -24.34 -0.49 16.40
C GLN B 53 -22.97 0.16 16.42
N GLN B 54 -22.34 0.25 17.58
CA GLN B 54 -21.01 0.80 17.66
C GLN B 54 -19.95 -0.27 17.93
N LYS B 55 -20.33 -1.54 18.05
CA LYS B 55 -19.38 -2.60 18.34
C LYS B 55 -18.77 -3.14 17.05
N LEU B 56 -17.46 -2.98 16.90
CA LEU B 56 -16.75 -3.61 15.80
C LEU B 56 -16.89 -5.12 15.90
N VAL B 57 -17.48 -5.75 14.90
CA VAL B 57 -17.71 -7.19 14.92
C VAL B 57 -17.01 -7.93 13.79
N GLY B 58 -16.45 -7.23 12.80
CA GLY B 58 -15.82 -7.89 11.68
C GLY B 58 -14.81 -6.98 11.01
N HIS B 59 -13.85 -7.59 10.32
CA HIS B 59 -12.79 -6.79 9.73
C HIS B 59 -12.08 -7.56 8.64
N VAL B 60 -11.59 -6.81 7.66
CA VAL B 60 -10.63 -7.33 6.69
C VAL B 60 -9.82 -6.14 6.18
N ALA B 61 -8.55 -6.38 5.89
CA ALA B 61 -7.69 -5.32 5.37
C ALA B 61 -7.14 -5.71 4.01
N ILE B 62 -6.91 -4.70 3.18
CA ILE B 62 -6.31 -4.86 1.86
C ILE B 62 -5.10 -3.95 1.82
N ILE B 63 -3.92 -4.54 1.69
CA ILE B 63 -2.68 -3.78 1.71
C ILE B 63 -2.01 -3.94 0.37
N GLN B 64 -1.34 -2.88 -0.09
CA GLN B 64 -0.69 -2.96 -1.38
C GLN B 64 0.63 -3.68 -1.22
N ARG B 65 0.85 -4.67 -2.08
CA ARG B 65 2.13 -5.35 -2.18
C ARG B 65 2.60 -5.27 -3.62
N HIS B 66 3.92 -5.37 -3.79
CA HIS B 66 4.59 -5.18 -5.08
C HIS B 66 5.35 -6.45 -5.38
N MET B 67 4.79 -7.27 -6.27
CA MET B 67 5.33 -8.60 -6.49
C MET B 67 5.80 -8.74 -7.93
N ALA B 68 6.39 -9.89 -8.23
CA ALA B 68 6.69 -10.30 -9.58
C ALA B 68 5.81 -11.50 -9.91
N LEU B 69 5.24 -11.48 -11.11
CA LEU B 69 4.57 -12.64 -11.68
C LEU B 69 5.47 -13.13 -12.80
N ASP B 70 6.25 -14.17 -12.48
CA ASP B 70 7.35 -14.70 -13.28
C ASP B 70 8.37 -13.54 -13.26
N ASN B 71 8.55 -12.83 -14.37
CA ASN B 71 9.46 -11.69 -14.43
C ASN B 71 8.74 -10.35 -14.57
N THR B 72 7.42 -10.32 -14.57
CA THR B 72 6.64 -9.12 -14.82
C THR B 72 6.21 -8.50 -13.49
N PRO B 73 6.39 -7.19 -13.31
CA PRO B 73 5.93 -6.56 -12.07
C PRO B 73 4.40 -6.59 -11.99
N ILE B 74 3.88 -6.79 -10.79
CA ILE B 74 2.43 -6.85 -10.61
C ILE B 74 2.06 -6.16 -9.30
N SER B 75 1.11 -5.23 -9.38
CA SER B 75 0.58 -4.55 -8.20
C SER B 75 -0.50 -5.42 -7.55
N VAL B 76 -0.30 -5.77 -6.28
CA VAL B 76 -1.14 -6.74 -5.62
C VAL B 76 -1.93 -6.06 -4.51
N GLY B 77 -3.22 -6.39 -4.42
CA GLY B 77 -3.97 -6.13 -3.21
C GLY B 77 -3.98 -7.35 -2.31
N TYR B 78 -3.26 -7.29 -1.21
CA TYR B 78 -3.05 -8.47 -0.37
C TYR B 78 -4.00 -8.42 0.82
N VAL B 79 -4.77 -9.50 1.03
CA VAL B 79 -5.81 -9.51 2.05
C VAL B 79 -5.22 -10.00 3.38
N GLU B 80 -5.42 -9.21 4.44
CA GLU B 80 -4.89 -9.54 5.76
C GLU B 80 -5.99 -9.46 6.80
N ALA B 81 -5.79 -10.22 7.89
CA ALA B 81 -6.55 -10.06 9.14
C ALA B 81 -8.06 -10.09 8.91
N MET B 82 -8.51 -11.08 8.15
CA MET B 82 -9.93 -11.33 7.99
C MET B 82 -10.49 -12.00 9.25
N VAL B 83 -11.48 -11.38 9.90
CA VAL B 83 -12.01 -11.92 11.15
C VAL B 83 -13.45 -11.46 11.33
N VAL B 84 -14.26 -12.32 11.95
CA VAL B 84 -15.59 -11.97 12.42
C VAL B 84 -15.72 -12.54 13.83
N GLU B 85 -16.24 -11.74 14.76
CA GLU B 85 -16.40 -12.22 16.12
C GLU B 85 -17.21 -13.51 16.12
N GLN B 86 -16.82 -14.43 17.01
CA GLN B 86 -17.32 -15.80 16.97
C GLN B 86 -18.85 -15.85 16.90
N SER B 87 -19.52 -15.22 17.86
CA SER B 87 -20.98 -15.30 17.92
C SER B 87 -21.67 -14.63 16.74
N TYR B 88 -20.94 -13.89 15.90
CA TYR B 88 -21.53 -13.29 14.72
C TYR B 88 -21.28 -14.08 13.44
N ARG B 89 -20.66 -15.25 13.56
CA ARG B 89 -20.23 -15.97 12.37
C ARG B 89 -21.39 -16.72 11.73
N ARG B 90 -21.15 -17.15 10.48
CA ARG B 90 -22.11 -17.95 9.71
C ARG B 90 -23.41 -17.19 9.45
N GLN B 91 -23.32 -15.86 9.33
CA GLN B 91 -24.46 -15.02 8.99
C GLN B 91 -24.24 -14.20 7.72
N GLY B 92 -23.13 -14.42 7.02
CA GLY B 92 -22.84 -13.71 5.80
C GLY B 92 -21.99 -12.46 5.95
N ILE B 93 -21.51 -12.15 7.15
CA ILE B 93 -20.68 -10.96 7.34
C ILE B 93 -19.35 -11.11 6.59
N GLY B 94 -18.70 -12.26 6.75
CA GLY B 94 -17.45 -12.48 6.04
C GLY B 94 -17.61 -12.36 4.54
N ARG B 95 -18.75 -12.80 4.01
N ARG B 95 -18.75 -12.79 4.01
CA ARG B 95 -18.98 -12.66 2.58
CA ARG B 95 -18.98 -12.66 2.58
C ARG B 95 -19.12 -11.19 2.18
C ARG B 95 -19.14 -11.20 2.17
N GLN B 96 -19.87 -10.40 2.95
CA GLN B 96 -19.98 -8.98 2.65
C GLN B 96 -18.62 -8.29 2.74
N LEU B 97 -17.81 -8.67 3.72
CA LEU B 97 -16.45 -8.15 3.79
C LEU B 97 -15.68 -8.45 2.51
N MET B 98 -15.83 -9.66 1.96
CA MET B 98 -15.07 -10.03 0.76
C MET B 98 -15.64 -9.37 -0.49
N LEU B 99 -16.96 -9.17 -0.57
CA LEU B 99 -17.50 -8.41 -1.69
C LEU B 99 -16.90 -7.00 -1.73
N GLN B 100 -16.78 -6.39 -0.56
N GLN B 100 -16.83 -6.35 -0.56
CA GLN B 100 -16.21 -5.07 -0.47
CA GLN B 100 -16.20 -5.03 -0.50
C GLN B 100 -14.73 -5.14 -0.83
C GLN B 100 -14.72 -5.12 -0.83
N THR B 101 -14.06 -6.17 -0.35
CA THR B 101 -12.64 -6.36 -0.66
C THR B 101 -12.41 -6.49 -2.16
N ASN B 102 -13.26 -7.26 -2.83
CA ASN B 102 -13.13 -7.43 -4.29
C ASN B 102 -13.24 -6.09 -5.01
N LYS B 103 -14.19 -5.24 -4.60
CA LYS B 103 -14.37 -3.95 -5.24
C LYS B 103 -13.14 -3.07 -5.08
N ILE B 104 -12.58 -3.02 -3.88
CA ILE B 104 -11.36 -2.25 -3.66
C ILE B 104 -10.24 -2.77 -4.57
N ILE B 105 -10.09 -4.09 -4.64
CA ILE B 105 -9.00 -4.66 -5.44
C ILE B 105 -9.21 -4.32 -6.91
N ALA B 106 -10.44 -4.47 -7.39
CA ALA B 106 -10.74 -4.18 -8.79
C ALA B 106 -10.44 -2.72 -9.13
N SER B 107 -10.63 -1.83 -8.16
CA SER B 107 -10.41 -0.41 -8.43
C SER B 107 -8.95 0.00 -8.31
N CYS B 108 -8.10 -0.82 -7.71
CA CYS B 108 -6.76 -0.34 -7.37
C CYS B 108 -5.61 -1.20 -7.88
N TYR B 109 -5.82 -2.51 -8.04
CA TYR B 109 -4.71 -3.43 -8.22
C TYR B 109 -4.97 -4.35 -9.39
N GLN B 110 -3.89 -4.98 -9.85
CA GLN B 110 -3.98 -5.96 -10.91
C GLN B 110 -4.36 -7.36 -10.41
N LEU B 111 -4.23 -7.62 -9.12
CA LEU B 111 -4.41 -8.98 -8.62
C LEU B 111 -4.64 -8.96 -7.12
N GLY B 112 -5.63 -9.70 -6.64
CA GLY B 112 -5.82 -9.94 -5.21
C GLY B 112 -5.18 -11.24 -4.81
N LEU B 113 -4.49 -11.24 -3.66
CA LEU B 113 -3.90 -12.46 -3.12
C LEU B 113 -4.18 -12.56 -1.63
N LEU B 114 -4.28 -13.79 -1.13
CA LEU B 114 -4.40 -14.04 0.30
C LEU B 114 -3.89 -15.44 0.62
N SER B 115 -3.59 -15.66 1.89
CA SER B 115 -3.25 -16.98 2.42
C SER B 115 -4.40 -17.42 3.32
N ALA B 116 -5.00 -18.56 2.99
CA ALA B 116 -6.26 -18.98 3.59
C ALA B 116 -6.03 -20.14 4.54
N SER B 117 -6.96 -20.30 5.48
CA SER B 117 -6.97 -21.47 6.34
C SER B 117 -7.20 -22.72 5.50
N ASP B 119 -12.12 -24.50 7.27
CA ASP B 119 -11.19 -23.46 6.87
C ASP B 119 -11.90 -22.27 6.23
N GLY B 120 -11.15 -21.23 5.89
CA GLY B 120 -11.69 -20.08 5.19
C GLY B 120 -11.69 -20.19 3.69
N GLN B 121 -11.11 -21.24 3.15
CA GLN B 121 -11.01 -21.40 1.71
C GLN B 121 -12.34 -21.44 0.95
N LYS B 122 -13.37 -22.02 1.57
CA LYS B 122 -14.65 -22.14 0.87
C LYS B 122 -15.33 -20.78 0.71
N LEU B 123 -15.27 -19.94 1.74
CA LEU B 123 -15.85 -18.61 1.62
C LEU B 123 -15.19 -17.82 0.49
N TYR B 124 -13.87 -17.90 0.38
CA TYR B 124 -13.19 -17.16 -0.68
C TYR B 124 -13.56 -17.71 -2.05
N HIS B 125 -13.64 -19.03 -2.18
CA HIS B 125 -14.07 -19.63 -3.44
C HIS B 125 -15.45 -19.13 -3.83
N SER B 126 -16.35 -19.02 -2.85
CA SER B 126 -17.72 -18.61 -3.15
C SER B 126 -17.81 -17.17 -3.67
N VAL B 127 -16.77 -16.35 -3.51
CA VAL B 127 -16.77 -15.01 -4.09
C VAL B 127 -15.69 -14.87 -5.17
N GLY B 128 -15.39 -15.96 -5.90
CA GLY B 128 -14.60 -15.89 -7.11
C GLY B 128 -13.12 -16.19 -6.97
N TRP B 129 -12.59 -16.31 -5.76
CA TRP B 129 -11.16 -16.56 -5.60
C TRP B 129 -10.83 -18.01 -5.96
N GLN B 130 -9.60 -18.23 -6.44
CA GLN B 130 -9.12 -19.55 -6.83
C GLN B 130 -7.77 -19.82 -6.19
N ILE B 131 -7.48 -21.10 -5.96
CA ILE B 131 -6.17 -21.50 -5.45
C ILE B 131 -5.10 -21.13 -6.47
N TRP B 132 -3.99 -20.55 -6.00
CA TRP B 132 -2.87 -20.27 -6.90
C TRP B 132 -2.12 -21.55 -7.23
N LYS B 133 -1.89 -21.77 -8.54
CA LYS B 133 -1.33 -23.04 -9.00
C LYS B 133 0.17 -22.99 -9.23
N GLY B 134 0.75 -21.81 -9.43
CA GLY B 134 2.18 -21.71 -9.67
C GLY B 134 2.99 -21.77 -8.39
N LYS B 135 4.31 -21.77 -8.57
CA LYS B 135 5.21 -21.78 -7.42
C LYS B 135 5.24 -20.40 -6.77
N LEU B 136 5.54 -20.41 -5.47
CA LEU B 136 5.61 -19.19 -4.66
C LEU B 136 7.01 -19.03 -4.10
N PHE B 137 7.51 -17.80 -4.10
CA PHE B 137 8.85 -17.49 -3.63
C PHE B 137 8.84 -16.29 -2.70
N GLU B 138 9.72 -16.32 -1.69
CA GLU B 138 9.88 -15.21 -0.74
C GLU B 138 11.36 -14.87 -0.57
N LEU B 139 11.62 -13.62 -0.18
CA LEU B 139 12.99 -13.16 0.06
C LEU B 139 13.49 -13.64 1.42
N LYS B 140 14.69 -14.21 1.43
CA LYS B 140 15.37 -14.61 2.67
C LYS B 140 16.83 -14.21 2.55
N GLN B 141 17.27 -13.30 3.42
CA GLN B 141 18.63 -12.77 3.38
C GLN B 141 18.93 -12.15 2.02
N GLY B 142 17.98 -11.37 1.51
CA GLY B 142 18.12 -10.71 0.23
C GLY B 142 18.11 -11.61 -0.99
N SER B 143 17.67 -12.87 -0.86
CA SER B 143 17.63 -13.79 -1.99
C SER B 143 16.36 -14.63 -1.94
N TYR B 144 15.75 -14.87 -3.10
CA TYR B 144 14.47 -15.57 -3.16
C TYR B 144 14.65 -17.08 -2.93
N ILE B 145 13.72 -17.66 -2.17
CA ILE B 145 13.64 -19.10 -1.95
C ILE B 145 12.18 -19.53 -2.05
N ARG B 146 11.96 -20.85 -2.15
CA ARG B 146 10.62 -21.38 -2.33
C ARG B 146 9.78 -21.21 -1.07
N SER B 147 8.52 -20.78 -1.24
CA SER B 147 7.57 -20.74 -0.14
C SER B 147 6.77 -22.03 -0.07
N ILE B 148 7.52 -23.13 0.10
CA ILE B 148 6.96 -24.49 -0.06
C ILE B 148 5.74 -24.70 0.82
N GLU B 149 5.77 -24.16 2.04
N GLU B 149 5.77 -24.15 2.04
CA GLU B 149 4.66 -24.43 2.97
CA GLU B 149 4.70 -24.36 3.02
C GLU B 149 3.39 -23.67 2.63
C GLU B 149 3.41 -23.68 2.63
N GLU B 150 3.48 -22.59 1.85
CA GLU B 150 2.30 -21.80 1.52
C GLU B 150 1.62 -22.26 0.24
N GLU B 151 2.29 -23.06 -0.58
CA GLU B 151 1.73 -23.46 -1.85
C GLU B 151 0.52 -24.35 -1.64
N GLY B 152 -0.57 -24.02 -2.31
CA GLY B 152 -1.86 -24.63 -2.08
C GLY B 152 -2.75 -23.86 -1.12
N GLY B 153 -2.17 -22.95 -0.32
CA GLY B 153 -2.92 -22.15 0.62
C GLY B 153 -3.21 -20.74 0.11
N VAL B 154 -2.32 -20.21 -0.73
CA VAL B 154 -2.52 -18.88 -1.31
C VAL B 154 -3.60 -18.94 -2.38
N MET B 155 -4.53 -17.99 -2.33
CA MET B 155 -5.58 -17.85 -3.34
C MET B 155 -5.48 -16.49 -4.02
N GLY B 156 -5.99 -16.42 -5.25
CA GLY B 156 -5.92 -15.21 -6.03
C GLY B 156 -7.27 -14.83 -6.60
N TRP B 157 -7.38 -13.56 -7.00
CA TRP B 157 -8.61 -13.05 -7.61
C TRP B 157 -8.26 -11.97 -8.62
N LYS B 158 -8.74 -12.12 -9.85
CA LYS B 158 -8.68 -11.05 -10.85
C LYS B 158 -10.08 -10.72 -11.31
N ALA B 159 -10.34 -9.43 -11.52
CA ALA B 159 -11.67 -8.95 -11.89
C ALA B 159 -12.15 -9.53 -13.23
N GLY B 161 -8.68 -7.63 -17.15
CA GLY B 161 -7.33 -8.14 -17.37
C GLY B 161 -7.11 -9.48 -16.70
N GLU B 162 -6.65 -10.46 -17.45
CA GLU B 162 -6.51 -11.82 -16.95
C GLU B 162 -5.06 -12.15 -16.60
N VAL B 163 -4.87 -12.83 -15.48
CA VAL B 163 -3.58 -13.21 -14.94
C VAL B 163 -3.47 -14.73 -15.02
N ASP B 164 -2.28 -15.23 -15.34
CA ASP B 164 -2.03 -16.68 -15.39
C ASP B 164 -1.77 -17.21 -13.99
N PHE B 165 -2.73 -17.97 -13.45
CA PHE B 165 -2.62 -18.53 -12.09
C PHE B 165 -1.66 -19.71 -11.98
N THR B 166 -1.05 -20.15 -13.09
CA THR B 166 0.01 -21.16 -13.05
C THR B 166 1.41 -20.55 -13.03
N ALA B 167 1.53 -19.23 -13.15
CA ALA B 167 2.84 -18.59 -13.13
C ALA B 167 3.39 -18.51 -11.70
N SER B 168 4.69 -18.31 -11.62
CA SER B 168 5.35 -18.14 -10.32
C SER B 168 5.11 -16.74 -9.76
N LEU B 169 4.99 -16.66 -8.44
CA LEU B 169 4.84 -15.39 -7.73
C LEU B 169 6.03 -15.18 -6.79
N TYR B 170 6.56 -13.96 -6.79
CA TYR B 170 7.68 -13.58 -5.93
C TYR B 170 7.19 -12.41 -5.08
N CYS B 171 7.00 -12.65 -3.78
CA CYS B 171 6.44 -11.59 -2.95
C CYS B 171 7.53 -10.64 -2.50
N ASP B 172 7.12 -9.51 -1.96
CA ASP B 172 8.06 -8.57 -1.37
C ASP B 172 8.28 -8.93 0.11
N PHE B 173 9.30 -8.28 0.70
CA PHE B 173 9.88 -8.67 1.98
C PHE B 173 9.10 -8.05 3.14
N ARG B 174 8.96 -8.81 4.22
CA ARG B 174 8.39 -8.29 5.46
C ARG B 174 8.84 -9.18 6.60
N GLY B 175 8.47 -8.80 7.83
CA GLY B 175 8.73 -9.66 8.96
C GLY B 175 7.63 -10.69 9.13
N GLY B 176 7.88 -11.68 9.99
CA GLY B 176 6.90 -12.71 10.23
C GLY B 176 6.69 -13.59 9.01
N ASP B 177 5.46 -14.07 8.84
CA ASP B 177 5.09 -14.84 7.66
C ASP B 177 5.08 -13.91 6.45
N GLN B 178 5.84 -14.29 5.42
CA GLN B 178 5.88 -13.47 4.20
C GLN B 178 4.56 -13.53 3.45
N TRP B 179 3.80 -14.62 3.61
CA TRP B 179 2.45 -14.74 3.04
C TRP B 179 1.40 -14.64 4.13
#